data_2LSF
#
_entry.id   2LSF
#
loop_
_entity.id
_entity.type
_entity.pdbx_description
1 polymer "DNA (5'-D(*CP*GP*TP*AP*CP*(02I)P*CP*AP*TP*GP*C)-3')"
2 polymer "DNA (5'-D(*GP*CP*AP*TP*GP*TP*GP*TP*AP*CP*G)-3')"
#
loop_
_entity_poly.entity_id
_entity_poly.type
_entity_poly.pdbx_seq_one_letter_code
_entity_poly.pdbx_strand_id
1 'polydeoxyribonucleotide' (DC)(DG)(DT)(DA)(DC)(02I)(DC)(DA)(DT)(DG)(DC) B
2 'polydeoxyribonucleotide' (DG)(DC)(DA)(DT)(DG)(DT)(DG)(DT)(DA)(DC)(DG) D
#
loop_
_chem_comp.id
_chem_comp.type
_chem_comp.name
_chem_comp.formula
02I DNA linking '(6S,7S,8S,10R)-4-amino-8-hydroxy-7,8,9,10-tetrahydro-6H-7,10-epoxyazepino[1,2-e]purin-6-yl dihydrogen phosphate' 'C10 H12 N5 O6 P'
DA DNA linking 2'-DEOXYADENOSINE-5'-MONOPHOSPHATE 'C10 H14 N5 O6 P'
DC DNA linking 2'-DEOXYCYTIDINE-5'-MONOPHOSPHATE 'C9 H14 N3 O7 P'
DG DNA linking 2'-DEOXYGUANOSINE-5'-MONOPHOSPHATE 'C10 H14 N5 O7 P'
DT DNA linking THYMIDINE-5'-MONOPHOSPHATE 'C10 H15 N2 O8 P'
#
# COMPACT_ATOMS: atom_id res chain seq x y z
P 02I A 6 0.76 2.80 2.43
N1 02I A 6 -0.66 0.72 -3.92
C2 02I A 6 -0.71 -0.60 -3.72
N3 02I A 6 -0.68 -1.25 -2.58
C4 02I A 6 -0.57 -0.39 -1.56
C5 02I A 6 -0.50 0.97 -1.61
C6 02I A 6 -0.56 1.54 -2.89
N6 02I A 6 -0.52 2.86 -3.12
N7 02I A 6 -0.40 1.51 -0.34
C8 02I A 6 -0.40 0.46 0.43
N9 02I A 6 -0.50 -0.71 -0.23
C1' 02I A 6 -0.53 -2.05 0.38
C2' 02I A 6 0.88 -2.42 0.75
OP2 02I A 6 1.34 3.32 3.69
C3' 02I A 6 1.15 -1.74 2.08
O3' 02I A 6 1.50 -2.77 3.02
C4' 02I A 6 -0.20 -1.09 2.41
O4' 02I A 6 -1.15 -1.90 1.67
C5' 02I A 6 -0.30 0.39 1.95
O5' 02I A 6 0.76 1.19 2.51
H2 02I A 6 -0.81 -1.21 -4.62
H1N6 02I A 6 -0.54 3.20 -4.07
H2N6 02I A 6 -0.46 3.50 -2.34
H1' 02I A 6 -1.04 -2.79 -0.24
H12' 02I A 6 1.59 -2.16 -0.03
H22' 02I A 6 0.90 -3.51 0.91
H3' 02I A 6 1.93 -0.98 2.02
H4' 02I A 6 -0.41 -1.15 3.49
H5' 02I A 6 -1.24 0.78 2.33
OP1 02I A 6 1.34 3.21 1.13
P 02I A 6 0.78 2.79 2.35
N1 02I A 6 -0.66 0.69 -3.99
C2 02I A 6 -0.69 -0.62 -3.79
N3 02I A 6 -0.65 -1.27 -2.65
C4 02I A 6 -0.55 -0.40 -1.63
C5 02I A 6 -0.50 0.97 -1.70
C6 02I A 6 -0.56 1.54 -2.97
N6 02I A 6 -0.55 2.85 -3.21
N7 02I A 6 -0.41 1.51 -0.42
C8 02I A 6 -0.39 0.46 0.36
N9 02I A 6 -0.48 -0.72 -0.31
C1' 02I A 6 -0.50 -2.05 0.30
C2' 02I A 6 0.92 -2.41 0.68
OP2 02I A 6 1.38 3.31 3.61
C3' 02I A 6 1.17 -1.73 2.01
O3' 02I A 6 1.51 -2.74 2.96
C4' 02I A 6 -0.19 -1.08 2.34
O4' 02I A 6 -1.12 -1.90 1.60
C5' 02I A 6 -0.30 0.40 1.86
O5' 02I A 6 0.76 1.19 2.42
H2 02I A 6 -0.77 -1.24 -4.68
H1N6 02I A 6 -0.57 3.16 -4.18
H2N6 02I A 6 -0.52 3.50 -2.45
H1' 02I A 6 -0.99 -2.81 -0.30
H12' 02I A 6 1.63 -2.12 -0.09
H22' 02I A 6 0.95 -3.49 0.83
H3' 02I A 6 1.94 -0.96 1.98
H4' 02I A 6 -0.41 -1.15 3.40
H5' 02I A 6 -1.25 0.80 2.24
OP1 02I A 6 1.34 3.21 1.04
P 02I A 6 0.69 2.74 2.50
N1 02I A 6 -0.66 0.79 -3.94
C2 02I A 6 -0.72 -0.53 -3.76
N3 02I A 6 -0.69 -1.21 -2.63
C4 02I A 6 -0.59 -0.36 -1.60
C5 02I A 6 -0.52 1.00 -1.63
C6 02I A 6 -0.57 1.60 -2.90
N6 02I A 6 -0.52 2.91 -3.11
N7 02I A 6 -0.43 1.53 -0.34
C8 02I A 6 -0.44 0.47 0.41
N9 02I A 6 -0.53 -0.70 -0.28
C1' 02I A 6 -0.56 -2.04 0.32
C2' 02I A 6 0.84 -2.41 0.73
OP2 02I A 6 1.23 3.21 3.79
C3' 02I A 6 1.05 -1.78 2.10
O3' 02I A 6 1.35 -2.84 3.01
C4' 02I A 6 -0.31 -1.12 2.38
O4' 02I A 6 -1.22 -1.92 1.58
C5' 02I A 6 -0.36 0.36 1.93
O5' 02I A 6 0.72 1.13 2.50
H2 02I A 6 -0.80 -1.13 -4.67
H1N6 02I A 6 -0.55 3.26 -4.05
H2N6 02I A 6 -0.46 3.55 -2.33
H1' 02I A 6 -1.04 -2.78 -0.33
H12' 02I A 6 1.58 -2.07 0.01
H22' 02I A 6 0.87 -3.49 0.86
H3' 02I A 6 1.84 -1.03 2.12
H4' 02I A 6 -0.58 -1.20 3.44
H5' 02I A 6 -1.30 0.76 2.32
OP1 02I A 6 1.30 3.23 1.23
P 02I A 6 0.78 2.89 2.45
N1 02I A 6 -0.70 0.72 -3.86
C2 02I A 6 -0.73 -0.59 -3.65
N3 02I A 6 -0.66 -1.24 -2.50
C4 02I A 6 -0.54 -0.36 -1.48
C5 02I A 6 -0.50 1.00 -1.56
C6 02I A 6 -0.58 1.57 -2.83
N6 02I A 6 -0.57 2.88 -3.07
N7 02I A 6 -0.37 1.55 -0.29
C8 02I A 6 -0.35 0.50 0.49
N9 02I A 6 -0.46 -0.68 -0.17
C1' 02I A 6 -0.46 -2.01 0.45
C2' 02I A 6 0.96 -2.39 0.77
OP2 02I A 6 1.39 3.43 3.68
C3' 02I A 6 1.28 -1.67 2.08
O3' 02I A 6 1.69 -2.67 3.02
C4' 02I A 6 -0.07 -1.04 2.47
O4' 02I A 6 -1.03 -1.87 1.77
C5' 02I A 6 -0.23 0.44 2.01
O5' 02I A 6 0.82 1.27 2.54
H2 02I A 6 -0.83 -1.21 -4.54
H1N6 02I A 6 -0.60 3.20 -4.03
H2N6 02I A 6 -0.50 3.54 -2.31
H1' 02I A 6 -0.98 -2.76 -0.15
H12' 02I A 6 1.64 -2.12 -0.04
H22' 02I A 6 1.00 -3.46 0.96
H3' 02I A 6 2.04 -0.89 1.98
H4' 02I A 6 -0.23 -1.10 3.55
H5' 02I A 6 -1.19 0.81 2.39
OP1 02I A 6 1.32 3.29 1.13
P 02I A 6 0.74 2.73 2.46
N1 02I A 6 -0.73 0.67 -3.92
C2 02I A 6 -0.79 -0.64 -3.71
N3 02I A 6 -0.76 -1.29 -2.57
C4 02I A 6 -0.64 -0.42 -1.55
C5 02I A 6 -0.57 0.93 -1.61
C6 02I A 6 -0.62 1.51 -2.89
N6 02I A 6 -0.57 2.81 -3.13
N7 02I A 6 -0.44 1.48 -0.34
C8 02I A 6 -0.45 0.43 0.44
N9 02I A 6 -0.57 -0.75 -0.23
C1' 02I A 6 -0.61 -2.08 0.38
C2' 02I A 6 0.81 -2.47 0.74
OP2 02I A 6 1.32 3.22 3.73
C3' 02I A 6 1.08 -1.79 2.09
O3' 02I A 6 1.41 -2.84 3.02
C4' 02I A 6 -0.27 -1.14 2.43
O4' 02I A 6 -1.22 -1.93 1.67
C5' 02I A 6 -0.35 0.35 1.95
O5' 02I A 6 0.73 1.12 2.50
H2 02I A 6 -0.90 -1.25 -4.61
H1N6 02I A 6 -0.60 3.14 -4.08
H2N6 02I A 6 -0.49 3.47 -2.36
H1' 02I A 6 -1.11 -2.82 -0.23
H12' 02I A 6 1.52 -2.16 -0.02
H22' 02I A 6 0.83 -3.54 0.88
H3' 02I A 6 1.86 -1.04 2.05
H4' 02I A 6 -0.50 -1.20 3.49
H5' 02I A 6 -1.29 0.75 2.35
OP1 02I A 6 1.31 3.17 1.16
P 02I A 6 0.75 2.76 2.34
N1 02I A 6 -0.66 0.75 -4.03
C2 02I A 6 -0.71 -0.55 -3.84
N3 02I A 6 -0.68 -1.23 -2.71
C4 02I A 6 -0.59 -0.38 -1.67
C5 02I A 6 -0.52 0.99 -1.72
C6 02I A 6 -0.56 1.58 -2.99
N6 02I A 6 -0.52 2.89 -3.21
N7 02I A 6 -0.43 1.51 -0.43
C8 02I A 6 -0.45 0.45 0.32
N9 02I A 6 -0.54 -0.72 -0.36
C1' 02I A 6 -0.59 -2.06 0.24
C2' 02I A 6 0.82 -2.46 0.62
OP2 02I A 6 1.34 3.26 3.59
C3' 02I A 6 1.07 -1.80 1.96
O3' 02I A 6 1.37 -2.84 2.89
C4' 02I A 6 -0.28 -1.13 2.28
O4' 02I A 6 -1.21 -1.92 1.52
C5' 02I A 6 -0.36 0.37 1.83
O5' 02I A 6 0.70 1.14 2.40
H2 02I A 6 -0.79 -1.16 -4.74
H1N6 02I A 6 -0.53 3.23 -4.16
H2N6 02I A 6 -0.50 3.54 -2.43
H1' 02I A 6 -1.08 -2.80 -0.39
H12' 02I A 6 1.54 -2.17 -0.16
H22' 02I A 6 0.84 -3.54 0.77
H3' 02I A 6 1.87 -1.05 1.95
H4' 02I A 6 -0.49 -1.20 3.36
H5' 02I A 6 -1.31 0.77 2.20
OP1 02I A 6 1.32 3.15 1.03
P 02I A 6 0.78 2.80 2.48
N1 02I A 6 -0.70 0.70 -3.90
C2 02I A 6 -0.75 -0.60 -3.70
N3 02I A 6 -0.70 -1.25 -2.55
C4 02I A 6 -0.58 -0.37 -1.53
C5 02I A 6 -0.51 0.98 -1.60
C6 02I A 6 -0.58 1.55 -2.88
N6 02I A 6 -0.53 2.86 -3.12
N7 02I A 6 -0.38 1.53 -0.33
C8 02I A 6 -0.38 0.48 0.46
N9 02I A 6 -0.49 -0.69 -0.21
C1' 02I A 6 -0.53 -2.03 0.40
C2' 02I A 6 0.89 -2.39 0.79
OP2 02I A 6 1.35 3.28 3.76
C3' 02I A 6 1.15 -1.73 2.13
O3' 02I A 6 1.49 -2.78 3.05
C4' 02I A 6 -0.19 -1.08 2.44
O4' 02I A 6 -1.14 -1.88 1.70
C5' 02I A 6 -0.28 0.41 1.97
O5' 02I A 6 0.80 1.19 2.50
H2 02I A 6 -0.85 -1.22 -4.58
H1N6 02I A 6 -0.59 3.19 -4.07
H2N6 02I A 6 -0.45 3.51 -2.35
H1' 02I A 6 -1.01 -2.77 -0.21
H12' 02I A 6 1.62 -2.08 0.02
H22' 02I A 6 0.94 -3.47 0.92
H3' 02I A 6 1.94 -0.98 2.09
H4' 02I A 6 -0.43 -1.15 3.51
H5' 02I A 6 -1.21 0.80 2.38
OP1 02I A 6 1.35 3.26 1.19
P 02I A 6 0.76 2.85 2.41
N1 02I A 6 -0.68 0.77 -3.93
C2 02I A 6 -0.73 -0.54 -3.72
N3 02I A 6 -0.70 -1.20 -2.59
C4 02I A 6 -0.58 -0.34 -1.56
C5 02I A 6 -0.52 1.03 -1.62
C6 02I A 6 -0.57 1.60 -2.89
N6 02I A 6 -0.52 2.92 -3.13
N7 02I A 6 -0.41 1.56 -0.34
C8 02I A 6 -0.41 0.51 0.43
N9 02I A 6 -0.52 -0.67 -0.24
C1' 02I A 6 -0.56 -2.00 0.37
C2' 02I A 6 0.85 -2.40 0.73
OP2 02I A 6 1.35 3.38 3.65
C3' 02I A 6 1.16 -1.70 2.05
O3' 02I A 6 1.51 -2.71 2.99
C4' 02I A 6 -0.20 -1.05 2.40
O4' 02I A 6 -1.15 -1.86 1.67
C5' 02I A 6 -0.31 0.44 1.94
O5' 02I A 6 0.74 1.25 2.50
H2 02I A 6 -0.83 -1.16 -4.62
H1N6 02I A 6 -0.55 3.25 -4.08
H2N6 02I A 6 -0.48 3.57 -2.36
H1' 02I A 6 -1.07 -2.74 -0.24
H12' 02I A 6 1.56 -2.14 -0.07
H22' 02I A 6 0.86 -3.47 0.89
H3' 02I A 6 1.93 -0.94 1.97
H4' 02I A 6 -0.38 -1.11 3.48
H5' 02I A 6 -1.26 0.82 2.32
OP1 02I A 6 1.32 3.26 1.10
P 02I A 6 0.73 2.84 2.47
N1 02I A 6 -0.67 0.76 -3.89
C2 02I A 6 -0.72 -0.55 -3.69
N3 02I A 6 -0.67 -1.21 -2.55
C4 02I A 6 -0.58 -0.35 -1.53
C5 02I A 6 -0.52 1.01 -1.58
C6 02I A 6 -0.58 1.60 -2.85
N6 02I A 6 -0.55 2.90 -3.08
N7 02I A 6 -0.42 1.55 -0.30
C8 02I A 6 -0.41 0.50 0.47
N9 02I A 6 -0.49 -0.68 -0.21
C1' 02I A 6 -0.52 -2.02 0.40
C2' 02I A 6 0.90 -2.40 0.74
OP2 02I A 6 1.32 3.36 3.72
C3' 02I A 6 1.20 -1.70 2.06
O3' 02I A 6 1.58 -2.70 3.00
C4' 02I A 6 -0.17 -1.07 2.43
O4' 02I A 6 -1.10 -1.89 1.71
C5' 02I A 6 -0.30 0.42 1.97
O5' 02I A 6 0.74 1.23 2.55
H2 02I A 6 -0.80 -1.17 -4.59
H1N6 02I A 6 -0.56 3.24 -4.04
H2N6 02I A 6 -0.52 3.56 -2.31
H1' 02I A 6 -1.03 -2.76 -0.22
H12' 02I A 6 1.59 -2.12 -0.05
H22' 02I A 6 0.93 -3.48 0.90
H3' 02I A 6 1.96 -0.93 1.98
H4' 02I A 6 -0.33 -1.14 3.50
H5' 02I A 6 -1.26 0.78 2.36
OP1 02I A 6 1.28 3.26 1.17
P 02I A 6 0.69 2.83 2.49
N1 02I A 6 -0.68 0.72 -3.89
C2 02I A 6 -0.72 -0.59 -3.68
N3 02I A 6 -0.68 -1.24 -2.54
C4 02I A 6 -0.59 -0.38 -1.52
C5 02I A 6 -0.53 1.00 -1.59
C6 02I A 6 -0.58 1.56 -2.86
N6 02I A 6 -0.56 2.87 -3.10
N7 02I A 6 -0.44 1.54 -0.32
C8 02I A 6 -0.44 0.49 0.47
N9 02I A 6 -0.52 -0.68 -0.20
C1' 02I A 6 -0.55 -2.02 0.41
C2' 02I A 6 0.86 -2.38 0.79
OP2 02I A 6 1.28 3.33 3.75
C3' 02I A 6 1.12 -1.69 2.13
O3' 02I A 6 1.46 -2.72 3.07
C4' 02I A 6 -0.25 -1.06 2.45
O4' 02I A 6 -1.17 -1.87 1.70
C5' 02I A 6 -0.35 0.42 1.97
O5' 02I A 6 0.71 1.22 2.53
H2 02I A 6 -0.79 -1.21 -4.58
H1N6 02I A 6 -0.59 3.20 -4.07
H2N6 02I A 6 -0.51 3.54 -2.34
H1' 02I A 6 -1.04 -2.76 -0.21
H12' 02I A 6 1.58 -2.09 0.03
H22' 02I A 6 0.88 -3.46 0.95
H3' 02I A 6 1.88 -0.93 2.08
H4' 02I A 6 -0.48 -1.13 3.52
H5' 02I A 6 -1.29 0.81 2.35
OP1 02I A 6 1.26 3.27 1.19
P 02I A 6 0.77 2.79 2.43
N1 02I A 6 -0.68 0.66 -3.94
C2 02I A 6 -0.72 -0.65 -3.72
N3 02I A 6 -0.67 -1.30 -2.57
C4 02I A 6 -0.56 -0.42 -1.55
C5 02I A 6 -0.51 0.94 -1.63
C6 02I A 6 -0.58 1.51 -2.91
N6 02I A 6 -0.55 2.81 -3.16
N7 02I A 6 -0.39 1.49 -0.36
C8 02I A 6 -0.38 0.45 0.42
N9 02I A 6 -0.48 -0.73 -0.23
C1' 02I A 6 -0.49 -2.06 0.39
C2' 02I A 6 0.92 -2.41 0.76
OP2 02I A 6 1.35 3.30 3.69
C3' 02I A 6 1.17 -1.73 2.10
O3' 02I A 6 1.51 -2.75 3.04
C4' 02I A 6 -0.18 -1.08 2.42
O4' 02I A 6 -1.11 -1.91 1.68
C5' 02I A 6 -0.29 0.40 1.94
O5' 02I A 6 0.78 1.18 2.49
H2 02I A 6 -0.81 -1.27 -4.60
H1N6 02I A 6 -0.59 3.12 -4.12
H2N6 02I A 6 -0.50 3.48 -2.40
H1' 02I A 6 -0.99 -2.81 -0.22
H12' 02I A 6 1.63 -2.11 -0.01
H22' 02I A 6 0.96 -3.49 0.91
H3' 02I A 6 1.95 -0.96 2.06
H4' 02I A 6 -0.41 -1.13 3.48
H5' 02I A 6 -1.22 0.79 2.31
OP1 02I A 6 1.35 3.23 1.13
P 02I A 6 0.80 2.86 2.49
N1 02I A 6 -0.63 0.66 -3.87
C2 02I A 6 -0.67 -0.64 -3.64
N3 02I A 6 -0.62 -1.28 -2.48
C4 02I A 6 -0.51 -0.39 -1.48
C5 02I A 6 -0.45 0.97 -1.56
C6 02I A 6 -0.52 1.52 -2.85
N6 02I A 6 -0.50 2.82 -3.11
N7 02I A 6 -0.34 1.54 -0.30
C8 02I A 6 -0.33 0.50 0.49
N9 02I A 6 -0.43 -0.69 -0.15
C1' 02I A 6 -0.45 -2.01 0.48
C2' 02I A 6 0.98 -2.37 0.84
OP2 02I A 6 1.36 3.38 3.75
C3' 02I A 6 1.24 -1.67 2.17
O3' 02I A 6 1.62 -2.68 3.11
C4' 02I A 6 -0.12 -1.03 2.50
O4' 02I A 6 -1.05 -1.85 1.78
C5' 02I A 6 -0.22 0.45 2.01
O5' 02I A 6 0.84 1.25 2.54
H2 02I A 6 -0.77 -1.28 -4.51
H1N6 02I A 6 -0.55 3.14 -4.07
H2N6 02I A 6 -0.41 3.49 -2.35
H1' 02I A 6 -0.95 -2.77 -0.12
H12' 02I A 6 1.68 -2.08 0.07
H22' 02I A 6 1.01 -3.44 1.01
H3' 02I A 6 2.02 -0.90 2.09
H4' 02I A 6 -0.33 -1.08 3.57
H5' 02I A 6 -1.16 0.83 2.40
OP1 02I A 6 1.36 3.31 1.18
P 02I A 6 0.76 2.88 2.44
N1 02I A 6 -0.67 0.79 -3.92
C2 02I A 6 -0.72 -0.52 -3.71
N3 02I A 6 -0.69 -1.17 -2.57
C4 02I A 6 -0.56 -0.31 -1.55
C5 02I A 6 -0.50 1.06 -1.61
C6 02I A 6 -0.55 1.63 -2.89
N6 02I A 6 -0.51 2.94 -3.14
N7 02I A 6 -0.39 1.60 -0.34
C8 02I A 6 -0.39 0.55 0.43
N9 02I A 6 -0.50 -0.62 -0.23
C1' 02I A 6 -0.53 -1.96 0.39
C2' 02I A 6 0.88 -2.34 0.74
OP2 02I A 6 1.34 3.39 3.71
C3' 02I A 6 1.16 -1.65 2.07
O3' 02I A 6 1.51 -2.68 3.01
C4' 02I A 6 -0.20 -1.00 2.41
O4' 02I A 6 -1.14 -1.81 1.68
C5' 02I A 6 -0.30 0.48 1.95
O5' 02I A 6 0.77 1.27 2.50
H2 02I A 6 -0.81 -1.14 -4.60
H1N6 02I A 6 -0.54 3.26 -4.09
H2N6 02I A 6 -0.44 3.60 -2.37
H1' 02I A 6 -1.04 -2.70 -0.23
H12' 02I A 6 1.58 -2.06 -0.04
H22' 02I A 6 0.89 -3.41 0.90
H3' 02I A 6 1.94 -0.89 2.02
H4' 02I A 6 -0.40 -1.06 3.49
H5' 02I A 6 -1.24 0.87 2.33
OP1 02I A 6 1.32 3.32 1.14
P 02I A 6 0.74 2.76 2.40
N1 02I A 6 -0.71 0.67 -4.01
C2 02I A 6 -0.76 -0.64 -3.80
N3 02I A 6 -0.71 -1.29 -2.65
C4 02I A 6 -0.60 -0.41 -1.63
C5 02I A 6 -0.53 0.95 -1.70
C6 02I A 6 -0.60 1.51 -2.98
N6 02I A 6 -0.55 2.82 -3.22
N7 02I A 6 -0.41 1.49 -0.43
C8 02I A 6 -0.41 0.45 0.35
N9 02I A 6 -0.52 -0.73 -0.31
C1' 02I A 6 -0.56 -2.06 0.30
C2' 02I A 6 0.86 -2.42 0.69
OP2 02I A 6 1.29 3.24 3.69
C3' 02I A 6 1.10 -1.76 2.04
O3' 02I A 6 1.43 -2.80 2.97
C4' 02I A 6 -0.25 -1.10 2.35
O4' 02I A 6 -1.18 -1.91 1.58
C5' 02I A 6 -0.32 0.38 1.86
O5' 02I A 6 0.76 1.15 2.41
H2 02I A 6 -0.85 -1.25 -4.69
H1N6 02I A 6 -0.61 3.15 -4.18
H2N6 02I A 6 -0.48 3.47 -2.46
H1' 02I A 6 -1.04 -2.81 -0.32
H12' 02I A 6 1.58 -2.12 -0.07
H22' 02I A 6 0.90 -3.50 0.83
H3' 02I A 6 1.89 -1.00 2.01
H4' 02I A 6 -0.49 -1.17 3.40
H5' 02I A 6 -1.25 0.77 2.26
OP1 02I A 6 1.34 3.22 1.12
P 02I A 6 0.77 2.78 2.43
N1 02I A 6 -0.59 0.69 -3.92
C2 02I A 6 -0.64 -0.61 -3.72
N3 02I A 6 -0.61 -1.28 -2.58
C4 02I A 6 -0.51 -0.42 -1.56
C5 02I A 6 -0.45 0.95 -1.60
C6 02I A 6 -0.49 1.53 -2.88
N6 02I A 6 -0.45 2.84 -3.11
N7 02I A 6 -0.35 1.48 -0.33
C8 02I A 6 -0.36 0.43 0.44
N9 02I A 6 -0.46 -0.74 -0.23
C1' 02I A 6 -0.50 -2.09 0.37
C2' 02I A 6 0.91 -2.48 0.73
OP2 02I A 6 1.35 3.30 3.68
C3' 02I A 6 1.20 -1.77 2.05
O3' 02I A 6 1.56 -2.79 2.99
C4' 02I A 6 -0.16 -1.13 2.41
O4' 02I A 6 -1.09 -1.94 1.68
C5' 02I A 6 -0.28 0.36 1.94
O5' 02I A 6 0.77 1.16 2.52
H2 02I A 6 -0.72 -1.23 -4.62
H1N6 02I A 6 -0.47 3.17 -4.07
H2N6 02I A 6 -0.41 3.50 -2.35
H1' 02I A 6 -1.01 -2.82 -0.24
H12' 02I A 6 1.61 -2.22 -0.06
H22' 02I A 6 0.92 -3.56 0.91
H3' 02I A 6 1.97 -1.01 1.99
H4' 02I A 6 -0.34 -1.19 3.48
H5' 02I A 6 -1.24 0.74 2.31
OP1 02I A 6 1.34 3.19 1.13
P 02I A 6 0.73 2.86 2.46
N1 02I A 6 -0.71 0.73 -3.90
C2 02I A 6 -0.76 -0.58 -3.69
N3 02I A 6 -0.71 -1.22 -2.54
C4 02I A 6 -0.60 -0.35 -1.53
C5 02I A 6 -0.54 1.01 -1.60
C6 02I A 6 -0.60 1.58 -2.88
N6 02I A 6 -0.58 2.89 -3.12
N7 02I A 6 -0.43 1.56 -0.33
C8 02I A 6 -0.42 0.53 0.45
N9 02I A 6 -0.53 -0.65 -0.21
C1' 02I A 6 -0.55 -1.98 0.42
C2' 02I A 6 0.86 -2.35 0.78
OP2 02I A 6 1.31 3.36 3.73
C3' 02I A 6 1.13 -1.67 2.12
O3' 02I A 6 1.47 -2.70 3.06
C4' 02I A 6 -0.24 -1.02 2.44
O4' 02I A 6 -1.17 -1.84 1.70
C5' 02I A 6 -0.32 0.46 1.95
O5' 02I A 6 0.75 1.25 2.50
H2 02I A 6 -0.84 -1.19 -4.58
H1N6 02I A 6 -0.61 3.20 -4.09
H2N6 02I A 6 -0.51 3.54 -2.37
H1' 02I A 6 -1.04 -2.74 -0.20
H12' 02I A 6 1.57 -2.05 0.01
H22' 02I A 6 0.90 -3.42 0.93
H3' 02I A 6 1.90 -0.90 2.08
H4' 02I A 6 -0.45 -1.08 3.51
H5' 02I A 6 -1.27 0.85 2.34
OP1 02I A 6 1.30 3.30 1.17
P 02I A 6 0.75 2.86 2.45
N1 02I A 6 -0.59 0.79 -3.96
C2 02I A 6 -0.62 -0.52 -3.76
N3 02I A 6 -0.58 -1.17 -2.62
C4 02I A 6 -0.50 -0.31 -1.59
C5 02I A 6 -0.45 1.05 -1.65
C6 02I A 6 -0.50 1.62 -2.92
N6 02I A 6 -0.48 2.94 -3.15
N7 02I A 6 -0.37 1.59 -0.37
C8 02I A 6 -0.36 0.55 0.40
N9 02I A 6 -0.43 -0.64 -0.27
C1' 02I A 6 -0.46 -1.97 0.34
C2' 02I A 6 0.95 -2.32 0.75
OP2 02I A 6 1.30 3.35 3.74
C3' 02I A 6 1.16 -1.66 2.10
O3' 02I A 6 1.47 -2.69 3.05
C4' 02I A 6 -0.21 -1.02 2.39
O4' 02I A 6 -1.11 -1.83 1.61
C5' 02I A 6 -0.28 0.46 1.91
O5' 02I A 6 0.78 1.25 2.48
H2 02I A 6 -0.69 -1.14 -4.66
H1N6 02I A 6 -0.53 3.26 -4.11
H2N6 02I A 6 -0.43 3.59 -2.38
H1' 02I A 6 -0.92 -2.72 -0.29
H12' 02I A 6 1.67 -2.00 0.01
H22' 02I A 6 0.99 -3.40 0.88
H3' 02I A 6 1.94 -0.89 2.09
H4' 02I A 6 -0.46 -1.08 3.44
H5' 02I A 6 -1.23 0.86 2.29
OP1 02I A 6 1.36 3.31 1.17
P 02I A 6 0.79 3.01 2.66
N1 02I A 6 -0.54 0.85 -3.66
C2 02I A 6 -0.58 -0.46 -3.46
N3 02I A 6 -0.54 -1.11 -2.32
C4 02I A 6 -0.44 -0.24 -1.30
C5 02I A 6 -0.39 1.12 -1.36
C6 02I A 6 -0.44 1.69 -2.64
N6 02I A 6 -0.42 3.00 -2.89
N7 02I A 6 -0.29 1.67 -0.09
C8 02I A 6 -0.29 0.62 0.69
N9 02I A 6 -0.37 -0.56 0.02
C1' 02I A 6 -0.40 -1.89 0.65
C2' 02I A 6 1.02 -2.27 0.97
OP2 02I A 6 1.37 3.58 3.91
C3' 02I A 6 1.34 -1.54 2.28
O3' 02I A 6 1.75 -2.54 3.23
C4' 02I A 6 -0.01 -0.92 2.67
O4' 02I A 6 -0.96 -1.75 1.96
C5' 02I A 6 -0.19 0.56 2.20
O5' 02I A 6 0.84 1.40 2.76
H2 02I A 6 -0.66 -1.08 -4.34
H1N6 02I A 6 -0.44 3.32 -3.85
H2N6 02I A 6 -0.37 3.66 -2.12
H1' 02I A 6 -0.91 -2.64 0.04
H12' 02I A 6 1.71 -2.02 0.16
H22' 02I A 6 1.05 -3.34 1.17
H3' 02I A 6 2.09 -0.77 2.17
H4' 02I A 6 -0.17 -0.98 3.74
H5' 02I A 6 -1.15 0.91 2.58
OP1 02I A 6 1.35 3.43 1.35
P 02I A 6 0.77 2.72 2.46
N1 02I A 6 -0.65 0.66 -3.92
C2 02I A 6 -0.72 -0.64 -3.71
N3 02I A 6 -0.68 -1.30 -2.57
C4 02I A 6 -0.58 -0.44 -1.55
C5 02I A 6 -0.50 0.93 -1.61
C6 02I A 6 -0.55 1.50 -2.88
N6 02I A 6 -0.50 2.82 -3.12
N7 02I A 6 -0.40 1.46 -0.33
C8 02I A 6 -0.40 0.42 0.44
N9 02I A 6 -0.51 -0.76 -0.23
C1' 02I A 6 -0.54 -2.09 0.39
C2' 02I A 6 0.86 -2.48 0.76
OP2 02I A 6 1.36 3.22 3.72
C3' 02I A 6 1.11 -1.80 2.11
O3' 02I A 6 1.44 -2.84 3.04
C4' 02I A 6 -0.23 -1.15 2.43
O4' 02I A 6 -1.17 -1.94 1.67
C5' 02I A 6 -0.32 0.34 1.95
O5' 02I A 6 0.77 1.12 2.51
H2 02I A 6 -0.81 -1.26 -4.61
H1N6 02I A 6 -0.54 3.13 -4.08
H2N6 02I A 6 -0.45 3.47 -2.35
H1' 02I A 6 -1.04 -2.84 -0.24
H12' 02I A 6 1.58 -2.19 0.00
H22' 02I A 6 0.87 -3.55 0.91
H3' 02I A 6 1.90 -1.05 2.09
H4' 02I A 6 -0.47 -1.20 3.49
H5' 02I A 6 -1.25 0.75 2.33
OP1 02I A 6 1.36 3.16 1.15
P 02I A 6 0.77 2.79 2.30
N1 02I A 6 -0.67 0.70 -4.05
C2 02I A 6 -0.71 -0.61 -3.84
N3 02I A 6 -0.69 -1.26 -2.70
C4 02I A 6 -0.59 -0.39 -1.67
C5 02I A 6 -0.52 0.97 -1.74
C6 02I A 6 -0.57 1.55 -3.01
N6 02I A 6 -0.54 2.85 -3.25
N7 02I A 6 -0.43 1.51 -0.46
C8 02I A 6 -0.43 0.47 0.31
N9 02I A 6 -0.52 -0.71 -0.36
C1' 02I A 6 -0.57 -2.05 0.26
C2' 02I A 6 0.84 -2.43 0.62
OP2 02I A 6 1.37 3.30 3.55
C3' 02I A 6 1.11 -1.74 1.96
O3' 02I A 6 1.44 -2.76 2.91
C4' 02I A 6 -0.24 -1.09 2.29
O4' 02I A 6 -1.17 -1.90 1.55
C5' 02I A 6 -0.35 0.40 1.82
O5' 02I A 6 0.72 1.18 2.39
H2 02I A 6 -0.79 -1.22 -4.73
H1N6 02I A 6 -0.54 3.18 -4.20
H2N6 02I A 6 -0.51 3.51 -2.48
H1' 02I A 6 -1.07 -2.79 -0.37
H12' 02I A 6 1.55 -2.15 -0.16
H22' 02I A 6 0.86 -3.51 0.78
H3' 02I A 6 1.90 -0.99 1.91
H4' 02I A 6 -0.45 -1.15 3.35
H5' 02I A 6 -1.28 0.79 2.20
OP1 02I A 6 1.35 3.18 0.99
P 02I A 6 0.75 2.75 2.35
N1 02I A 6 -0.72 0.64 -3.97
C2 02I A 6 -0.78 -0.68 -3.75
N3 02I A 6 -0.74 -1.32 -2.61
C4 02I A 6 -0.62 -0.45 -1.60
C5 02I A 6 -0.55 0.91 -1.66
C6 02I A 6 -0.60 1.48 -2.94
N6 02I A 6 -0.56 2.79 -3.19
N7 02I A 6 -0.44 1.46 -0.39
C8 02I A 6 -0.45 0.41 0.38
N9 02I A 6 -0.56 -0.77 -0.27
C1' 02I A 6 -0.59 -2.10 0.34
C2' 02I A 6 0.82 -2.49 0.69
OP2 02I A 6 1.35 3.28 3.60
C3' 02I A 6 1.11 -1.81 2.01
O3' 02I A 6 1.46 -2.83 2.95
C4' 02I A 6 -0.23 -1.14 2.37
O4' 02I A 6 -1.18 -1.95 1.64
C5' 02I A 6 -0.35 0.34 1.90
O5' 02I A 6 0.72 1.14 2.45
H2 02I A 6 -0.88 -1.30 -4.65
H1N6 02I A 6 -0.58 3.11 -4.14
H2N6 02I A 6 -0.51 3.45 -2.42
H1' 02I A 6 -1.11 -2.85 -0.27
H12' 02I A 6 1.52 -2.21 -0.11
H22' 02I A 6 0.85 -3.56 0.84
H3' 02I A 6 1.90 -1.04 1.95
H4' 02I A 6 -0.43 -1.20 3.44
H5' 02I A 6 -1.29 0.74 2.27
OP1 02I A 6 1.33 3.13 1.04
P 02I A 6 0.67 2.81 2.55
N1 02I A 6 -0.61 0.70 -3.80
C2 02I A 6 -0.65 -0.60 -3.61
N3 02I A 6 -0.62 -1.27 -2.46
C4 02I A 6 -0.53 -0.40 -1.43
C5 02I A 6 -0.48 0.96 -1.49
C6 02I A 6 -0.52 1.54 -2.77
N6 02I A 6 -0.49 2.86 -2.99
N7 02I A 6 -0.40 1.49 -0.21
C8 02I A 6 -0.40 0.44 0.56
N9 02I A 6 -0.48 -0.74 -0.12
C1' 02I A 6 -0.51 -2.07 0.49
C2' 02I A 6 0.90 -2.45 0.85
OP2 02I A 6 1.23 3.35 3.81
C3' 02I A 6 1.19 -1.73 2.16
O3' 02I A 6 1.58 -2.74 3.10
C4' 02I A 6 -0.17 -1.11 2.53
O4' 02I A 6 -1.11 -1.94 1.79
C5' 02I A 6 -0.33 0.37 2.07
O5' 02I A 6 0.70 1.20 2.64
H2 02I A 6 -0.73 -1.22 -4.50
H1N6 02I A 6 -0.50 3.19 -3.95
H2N6 02I A 6 -0.46 3.50 -2.21
H1' 02I A 6 -1.02 -2.82 -0.13
H12' 02I A 6 1.60 -2.19 0.05
H22' 02I A 6 0.93 -3.52 1.03
H3' 02I A 6 1.95 -0.96 2.08
H4' 02I A 6 -0.35 -1.17 3.60
H5' 02I A 6 -1.28 0.73 2.43
OP1 02I A 6 1.25 3.23 1.25
P 02I A 6 0.80 2.79 2.43
N1 02I A 6 -0.68 0.68 -3.95
C2 02I A 6 -0.73 -0.63 -3.73
N3 02I A 6 -0.68 -1.27 -2.58
C4 02I A 6 -0.56 -0.40 -1.57
C5 02I A 6 -0.50 0.97 -1.64
C6 02I A 6 -0.56 1.52 -2.92
N6 02I A 6 -0.53 2.83 -3.17
N7 02I A 6 -0.38 1.52 -0.36
C8 02I A 6 -0.37 0.47 0.42
N9 02I A 6 -0.48 -0.71 -0.25
C1' 02I A 6 -0.51 -2.04 0.37
C2' 02I A 6 0.90 -2.40 0.75
OP2 02I A 6 1.37 3.28 3.71
C3' 02I A 6 1.16 -1.74 2.09
O3' 02I A 6 1.49 -2.77 3.02
C4' 02I A 6 -0.19 -1.09 2.41
O4' 02I A 6 -1.13 -1.89 1.66
C5' 02I A 6 -0.27 0.40 1.92
O5' 02I A 6 0.81 1.17 2.47
H2 02I A 6 -0.83 -1.25 -4.62
H1N6 02I A 6 -0.58 3.16 -4.12
H2N6 02I A 6 -0.44 3.48 -2.40
H1' 02I A 6 -1.00 -2.79 -0.25
H12' 02I A 6 1.62 -2.09 -0.01
H22' 02I A 6 0.95 -3.49 0.89
H3' 02I A 6 1.95 -0.98 2.06
H4' 02I A 6 -0.42 -1.15 3.48
H5' 02I A 6 -1.20 0.79 2.33
OP1 02I A 6 1.38 3.23 1.14
P 02I A 6 0.78 2.74 2.39
N1 02I A 6 -0.63 0.65 -3.95
C2 02I A 6 -0.69 -0.66 -3.74
N3 02I A 6 -0.65 -1.32 -2.60
C4 02I A 6 -0.55 -0.45 -1.58
C5 02I A 6 -0.49 0.92 -1.64
C6 02I A 6 -0.53 1.49 -2.91
N6 02I A 6 -0.49 2.79 -3.15
N7 02I A 6 -0.39 1.45 -0.36
C8 02I A 6 -0.40 0.40 0.41
N9 02I A 6 -0.50 -0.77 -0.26
C1' 02I A 6 -0.54 -2.11 0.36
C2' 02I A 6 0.87 -2.49 0.73
OP2 02I A 6 1.36 3.25 3.65
C3' 02I A 6 1.14 -1.80 2.05
O3' 02I A 6 1.48 -2.83 2.99
C4' 02I A 6 -0.22 -1.15 2.39
O4' 02I A 6 -1.16 -1.95 1.65
C5' 02I A 6 -0.32 0.33 1.92
O5' 02I A 6 0.75 1.13 2.49
H2 02I A 6 -0.77 -1.28 -4.63
H1N6 02I A 6 -0.49 3.12 -4.11
H2N6 02I A 6 -0.45 3.44 -2.38
H1' 02I A 6 -1.05 -2.86 -0.26
H12' 02I A 6 1.58 -2.22 -0.05
H22' 02I A 6 0.88 -3.58 0.88
H3' 02I A 6 1.92 -1.04 1.99
H4' 02I A 6 -0.42 -1.21 3.46
H5' 02I A 6 -1.26 0.73 2.28
OP1 02I A 6 1.37 3.13 1.09
P 02I A 6 0.71 2.73 2.48
N1 02I A 6 -0.68 0.70 -3.93
C2 02I A 6 -0.74 -0.62 -3.72
N3 02I A 6 -0.71 -1.28 -2.59
C4 02I A 6 -0.61 -0.41 -1.56
C5 02I A 6 -0.54 0.94 -1.62
C6 02I A 6 -0.58 1.52 -2.90
N6 02I A 6 -0.53 2.84 -3.12
N7 02I A 6 -0.43 1.48 -0.34
C8 02I A 6 -0.45 0.43 0.43
N9 02I A 6 -0.55 -0.74 -0.25
C1' 02I A 6 -0.60 -2.08 0.36
C2' 02I A 6 0.81 -2.47 0.72
OP2 02I A 6 1.29 3.22 3.74
C3' 02I A 6 1.08 -1.80 2.07
O3' 02I A 6 1.40 -2.83 3.00
C4' 02I A 6 -0.28 -1.15 2.41
O4' 02I A 6 -1.22 -1.94 1.64
C5' 02I A 6 -0.37 0.34 1.94
O5' 02I A 6 0.69 1.12 2.51
H2 02I A 6 -0.82 -1.23 -4.62
H1N6 02I A 6 -0.55 3.17 -4.08
H2N6 02I A 6 -0.48 3.48 -2.35
H1' 02I A 6 -1.11 -2.82 -0.27
H12' 02I A 6 1.52 -2.18 -0.04
H22' 02I A 6 0.82 -3.55 0.87
H3' 02I A 6 1.86 -1.05 2.03
H4' 02I A 6 -0.50 -1.22 3.46
H5' 02I A 6 -1.31 0.74 2.31
OP1 02I A 6 1.29 3.17 1.19
P 02I A 6 0.78 2.79 2.46
N1 02I A 6 -0.65 0.72 -3.90
C2 02I A 6 -0.71 -0.58 -3.70
N3 02I A 6 -0.66 -1.25 -2.56
C4 02I A 6 -0.54 -0.38 -1.54
C5 02I A 6 -0.48 0.98 -1.59
C6 02I A 6 -0.54 1.57 -2.87
N6 02I A 6 -0.50 2.88 -3.09
N7 02I A 6 -0.37 1.51 -0.31
C8 02I A 6 -0.37 0.46 0.45
N9 02I A 6 -0.47 -0.71 -0.23
C1' 02I A 6 -0.51 -2.05 0.39
C2' 02I A 6 0.91 -2.44 0.72
OP2 02I A 6 1.36 3.30 3.72
C3' 02I A 6 1.21 -1.75 2.05
O3' 02I A 6 1.58 -2.76 2.99
C4' 02I A 6 -0.14 -1.11 2.41
O4' 02I A 6 -1.09 -1.92 1.69
C5' 02I A 6 -0.28 0.38 1.96
O5' 02I A 6 0.79 1.18 2.53
H2 02I A 6 -0.79 -1.20 -4.60
H1N6 02I A 6 -0.53 3.20 -4.05
H2N6 02I A 6 -0.45 3.52 -2.33
H1' 02I A 6 -1.01 -2.79 -0.23
H12' 02I A 6 1.61 -2.15 -0.07
H22' 02I A 6 0.94 -3.52 0.89
H3' 02I A 6 1.98 -0.97 1.99
H4' 02I A 6 -0.33 -1.18 3.49
H5' 02I A 6 -1.22 0.76 2.34
OP1 02I A 6 1.34 3.22 1.16
#